data_5HL3
#
_entry.id   5HL3
#
_cell.length_a   72.883
_cell.length_b   72.883
_cell.length_c   179.449
_cell.angle_alpha   90.00
_cell.angle_beta   90.00
_cell.angle_gamma   90.00
#
_symmetry.space_group_name_H-M   'P 41 21 2'
#
loop_
_entity.id
_entity.type
_entity.pdbx_description
1 polymer 'Lmo2470 protein'
2 non-polymer 'CALCIUM ION'
3 non-polymer 'CHLORIDE ION'
4 water water
#
_entity_poly.entity_id   1
_entity_poly.type   'polypeptide(L)'
_entity_poly.pdbx_seq_one_letter_code
;SNAASDLYPLPAPIIDVFPDDGLAKD(MSE)AKNLNKDSVNDVIDQDDLDALTGLGFETSTITNDS(MSE)QLLERA
(MSE)FNNVTDVSI(MSE)EFGAKLTEFPDITTIPHLKTLFFADPPGRLTRNLSLPNYQNYPE(MSE)DTIT(MSE)SGN
NLIGSIPDFTG(MSE)PALKQLY(MSE)SE(MSE)LITSDELPNFNNIPLLITLDLSSNQLTTIPDFQNIPNLTFLDLNA
NLLTNTPDFQNLPKLTDLNLRHNNLTGT(MSE)VNYTNLPSLESLNLDYNFLTELPSNVLDTIYVQSQNGELPDQTINQG
DTCTIDLPIYFQ(MSE)EETN(MSE)LVSPEVTGEYIGISVIQLPTTVNEEGNTITVDTSALSPGEYKLDVSYNHNYATG
GVCSYDWNVTIN
;
_entity_poly.pdbx_strand_id   A
#
# COMPACT_ATOMS: atom_id res chain seq x y z
N ASP A 6 36.47 1.38 -17.90
CA ASP A 6 36.35 2.40 -16.82
C ASP A 6 37.08 2.01 -15.52
N LEU A 7 37.59 0.78 -15.39
CA LEU A 7 38.20 0.36 -14.10
C LEU A 7 39.50 1.07 -13.81
N TYR A 8 39.57 1.65 -12.62
CA TYR A 8 40.75 2.39 -12.22
C TYR A 8 41.88 1.40 -11.83
N PRO A 9 43.14 1.69 -12.22
N PRO A 9 43.11 1.59 -12.35
CA PRO A 9 44.24 0.77 -11.89
CA PRO A 9 44.12 0.60 -11.94
C PRO A 9 44.52 0.70 -10.40
C PRO A 9 44.51 0.66 -10.46
N LEU A 10 44.67 -0.52 -9.88
CA LEU A 10 44.95 -0.72 -8.46
C LEU A 10 46.34 -1.34 -8.28
N PRO A 11 46.98 -1.20 -7.11
CA PRO A 11 46.49 -0.47 -5.96
C PRO A 11 46.43 1.04 -6.17
N ALA A 12 45.59 1.71 -5.39
CA ALA A 12 45.43 3.16 -5.48
C ALA A 12 44.78 3.71 -4.24
N PRO A 13 45.05 4.99 -3.91
CA PRO A 13 44.26 5.65 -2.85
C PRO A 13 42.77 5.65 -3.17
N ILE A 14 41.96 5.49 -2.12
CA ILE A 14 40.49 5.49 -2.27
C ILE A 14 40.01 6.73 -3.04
N ILE A 15 40.57 7.88 -2.71
CA ILE A 15 40.16 9.15 -3.33
C ILE A 15 40.47 9.21 -4.83
N ASP A 16 41.44 8.43 -5.29
CA ASP A 16 41.74 8.37 -6.71
C ASP A 16 40.79 7.40 -7.44
N VAL A 17 40.40 6.30 -6.78
CA VAL A 17 39.44 5.37 -7.39
C VAL A 17 38.04 5.98 -7.44
N PHE A 18 37.69 6.73 -6.41
CA PHE A 18 36.35 7.31 -6.24
C PHE A 18 36.52 8.84 -6.06
N PRO A 19 36.69 9.58 -7.15
CA PRO A 19 37.08 11.00 -7.07
C PRO A 19 35.89 11.93 -6.80
N ASP A 20 35.36 11.81 -5.61
CA ASP A 20 34.25 12.62 -5.13
C ASP A 20 34.32 12.58 -3.62
N ASP A 21 34.22 13.71 -2.96
CA ASP A 21 34.45 13.73 -1.52
C ASP A 21 33.48 12.84 -0.75
N GLY A 22 32.18 12.96 -1.04
CA GLY A 22 31.20 12.17 -0.34
C GLY A 22 31.29 10.70 -0.65
N LEU A 23 31.47 10.36 -1.92
CA LEU A 23 31.56 8.96 -2.28
C LEU A 23 32.79 8.33 -1.65
N ALA A 24 33.91 9.03 -1.68
CA ALA A 24 35.14 8.48 -1.10
C ALA A 24 35.03 8.29 0.40
N LYS A 25 34.38 9.22 1.08
N LYS A 25 34.38 9.22 1.06
CA LYS A 25 34.13 9.10 2.52
CA LYS A 25 34.13 9.12 2.50
C LYS A 25 33.32 7.83 2.81
C LYS A 25 33.32 7.86 2.81
N ASP A 26 32.23 7.66 2.07
CA ASP A 26 31.38 6.48 2.27
C ASP A 26 32.11 5.21 1.89
N ALA A 28 35.40 4.70 2.12
CA ALA A 28 36.36 4.42 3.18
C ALA A 28 35.66 3.73 4.36
N LYS A 29 34.44 4.19 4.68
CA LYS A 29 33.69 3.55 5.76
C LYS A 29 33.34 2.11 5.37
N ASN A 30 32.86 1.89 4.14
CA ASN A 30 32.55 0.54 3.68
C ASN A 30 33.77 -0.39 3.74
N LEU A 31 34.95 0.16 3.45
CA LEU A 31 36.21 -0.60 3.42
C LEU A 31 36.90 -0.64 4.80
N ASN A 32 36.30 -0.03 5.80
CA ASN A 32 36.91 0.10 7.12
C ASN A 32 38.33 0.68 7.08
N LYS A 33 38.51 1.71 6.27
CA LYS A 33 39.78 2.44 6.22
C LYS A 33 39.56 3.78 6.92
N ASP A 34 40.57 4.23 7.67
CA ASP A 34 40.40 5.47 8.42
C ASP A 34 40.47 6.72 7.56
N SER A 35 41.05 6.62 6.36
CA SER A 35 41.24 7.81 5.51
C SER A 35 40.92 7.57 4.07
N VAL A 36 40.39 8.56 3.38
CA VAL A 36 40.21 8.46 1.93
C VAL A 36 41.55 8.44 1.20
N ASN A 37 42.63 8.79 1.89
CA ASN A 37 43.96 8.70 1.27
C ASN A 37 44.53 7.31 1.34
N ASP A 38 43.90 6.40 2.09
CA ASP A 38 44.44 5.04 2.22
C ASP A 38 44.41 4.30 0.89
N VAL A 39 45.47 3.52 0.67
CA VAL A 39 45.64 2.73 -0.56
C VAL A 39 44.89 1.40 -0.41
N ILE A 40 44.09 1.10 -1.43
CA ILE A 40 43.33 -0.14 -1.50
C ILE A 40 43.74 -0.95 -2.71
N ASP A 41 43.51 -2.27 -2.61
CA ASP A 41 43.77 -3.18 -3.73
C ASP A 41 42.54 -4.01 -4.01
N GLN A 42 42.60 -4.88 -5.00
CA GLN A 42 41.41 -5.65 -5.38
C GLN A 42 40.94 -6.56 -4.25
N ASP A 43 41.86 -7.09 -3.45
CA ASP A 43 41.47 -7.90 -2.28
C ASP A 43 40.60 -7.11 -1.32
N ASP A 44 40.87 -5.81 -1.14
CA ASP A 44 40.05 -5.01 -0.24
C ASP A 44 38.62 -4.88 -0.77
N LEU A 45 38.48 -4.70 -2.08
CA LEU A 45 37.16 -4.64 -2.72
C LEU A 45 36.44 -5.99 -2.62
N ASP A 46 37.18 -7.08 -2.84
CA ASP A 46 36.59 -8.42 -2.80
C ASP A 46 36.05 -8.78 -1.42
N ALA A 47 36.60 -8.18 -0.37
CA ALA A 47 36.08 -8.42 0.98
C ALA A 47 34.69 -7.80 1.24
N LEU A 48 34.24 -6.89 0.37
CA LEU A 48 32.93 -6.27 0.54
C LEU A 48 31.80 -7.15 0.06
N THR A 49 30.79 -7.32 0.91
CA THR A 49 29.56 -8.00 0.53
C THR A 49 28.35 -7.07 0.52
N GLY A 50 28.55 -5.84 0.98
CA GLY A 50 27.50 -4.82 0.97
C GLY A 50 28.10 -3.46 0.89
N LEU A 51 27.35 -2.51 0.33
CA LEU A 51 27.75 -1.13 0.26
C LEU A 51 26.66 -0.27 0.89
N GLY A 52 27.06 0.57 1.82
CA GLY A 52 26.16 1.56 2.43
C GLY A 52 26.55 2.96 2.01
N PHE A 53 25.56 3.83 1.84
CA PHE A 53 25.79 5.24 1.48
C PHE A 53 25.00 6.13 2.41
N GLU A 54 25.61 7.21 2.85
CA GLU A 54 24.97 8.10 3.82
C GLU A 54 25.35 9.56 3.70
N THR A 55 26.26 9.91 2.79
CA THR A 55 26.70 11.31 2.65
C THR A 55 25.83 11.96 1.57
N SER A 56 25.12 13.01 1.97
CA SER A 56 24.08 13.60 1.10
C SER A 56 24.56 14.51 -0.01
N THR A 57 25.87 14.71 -0.14
CA THR A 57 26.43 15.43 -1.27
C THR A 57 26.65 14.54 -2.49
N ILE A 58 26.47 13.22 -2.34
CA ILE A 58 26.59 12.33 -3.50
C ILE A 58 25.45 12.65 -4.47
N THR A 59 25.74 12.72 -5.78
CA THR A 59 24.75 13.00 -6.81
C THR A 59 24.65 11.83 -7.76
N ASN A 60 23.74 11.90 -8.72
CA ASN A 60 23.70 10.84 -9.74
C ASN A 60 25.03 10.64 -10.42
N ASP A 61 25.67 11.77 -10.74
CA ASP A 61 26.98 11.70 -11.41
C ASP A 61 28.07 11.11 -10.55
N SER A 62 28.16 11.50 -9.29
CA SER A 62 29.19 10.87 -8.46
C SER A 62 28.90 9.42 -8.11
N GLN A 64 27.75 7.29 -10.10
CA GLN A 64 28.21 6.58 -11.30
C GLN A 64 29.69 6.19 -11.22
N LEU A 65 30.48 6.90 -10.41
CA LEU A 65 31.90 6.59 -10.25
C LEU A 65 32.13 5.19 -9.67
N LEU A 66 31.09 4.56 -9.11
CA LEU A 66 31.23 3.18 -8.67
C LEU A 66 31.60 2.23 -9.80
N GLU A 67 31.38 2.63 -11.04
CA GLU A 67 31.78 1.77 -12.18
C GLU A 67 33.31 1.71 -12.36
N ARG A 68 34.05 2.50 -11.58
CA ARG A 68 35.52 2.50 -11.64
C ARG A 68 36.12 1.38 -10.79
N ALA A 69 35.30 0.62 -10.07
CA ALA A 69 35.79 -0.47 -9.23
C ALA A 69 34.92 -1.70 -9.42
N PHE A 71 33.14 -4.86 -7.95
CA PHE A 71 32.58 -5.40 -6.71
C PHE A 71 32.08 -6.83 -6.98
N ASN A 72 33.00 -7.77 -6.85
CA ASN A 72 32.73 -9.15 -7.19
C ASN A 72 31.78 -9.85 -6.25
N ASN A 73 31.72 -9.40 -4.98
CA ASN A 73 30.96 -10.11 -3.94
C ASN A 73 29.87 -9.28 -3.27
N VAL A 74 29.65 -8.07 -3.76
CA VAL A 74 28.58 -7.23 -3.19
C VAL A 74 27.21 -7.72 -3.63
N THR A 75 26.35 -7.98 -2.64
CA THR A 75 24.97 -8.40 -2.91
C THR A 75 23.91 -7.40 -2.43
N ASP A 76 24.31 -6.40 -1.65
N ASP A 76 24.30 -6.37 -1.68
CA ASP A 76 23.38 -5.40 -1.11
CA ASP A 76 23.33 -5.46 -1.08
C ASP A 76 23.89 -4.00 -1.29
C ASP A 76 23.82 -4.02 -1.13
N VAL A 77 22.98 -3.10 -1.63
CA VAL A 77 23.26 -1.66 -1.69
C VAL A 77 22.18 -1.00 -0.84
N SER A 78 22.60 -0.25 0.17
N SER A 78 22.60 -0.24 0.18
CA SER A 78 21.68 0.46 1.04
CA SER A 78 21.69 0.44 1.12
C SER A 78 22.04 1.93 1.05
C SER A 78 22.00 1.93 1.19
N ILE A 79 21.09 2.77 0.70
CA ILE A 79 21.28 4.24 0.67
C ILE A 79 20.45 4.76 1.84
N GLU A 81 20.93 7.66 3.72
CA GLU A 81 20.69 9.09 3.72
C GLU A 81 21.15 9.58 2.37
N PHE A 82 20.41 10.52 1.78
CA PHE A 82 20.75 11.04 0.47
C PHE A 82 20.12 12.40 0.26
N GLY A 83 20.79 13.19 -0.56
CA GLY A 83 20.32 14.53 -0.90
C GLY A 83 19.46 14.60 -2.14
N ALA A 84 19.06 15.84 -2.45
CA ALA A 84 18.14 16.10 -3.55
C ALA A 84 18.71 15.86 -4.94
N LYS A 85 20.04 15.80 -5.03
CA LYS A 85 20.69 15.58 -6.33
C LYS A 85 21.01 14.11 -6.62
N LEU A 86 20.70 13.23 -5.67
CA LEU A 86 20.70 11.78 -5.96
C LEU A 86 19.26 11.38 -6.20
N THR A 87 18.90 11.12 -7.46
CA THR A 87 17.54 10.72 -7.78
C THR A 87 17.48 9.33 -8.41
N GLU A 88 18.60 8.66 -8.55
CA GLU A 88 18.63 7.34 -9.18
C GLU A 88 19.89 6.59 -8.81
N PHE A 89 19.77 5.30 -8.46
CA PHE A 89 20.96 4.47 -8.34
C PHE A 89 21.28 3.98 -9.75
N PRO A 90 22.50 4.19 -10.24
CA PRO A 90 22.77 3.88 -11.64
C PRO A 90 22.82 2.39 -11.97
N ASP A 91 22.59 2.09 -13.25
CA ASP A 91 22.66 0.72 -13.78
C ASP A 91 24.09 0.52 -14.30
N ILE A 92 25.01 0.17 -13.40
CA ILE A 92 26.43 0.02 -13.74
C ILE A 92 26.77 -1.46 -13.85
N THR A 93 27.93 -1.75 -14.45
CA THR A 93 28.28 -3.13 -14.77
C THR A 93 29.16 -3.81 -13.72
N THR A 94 29.50 -3.11 -12.64
CA THR A 94 30.49 -3.62 -11.69
C THR A 94 29.92 -4.15 -10.38
N ILE A 95 28.61 -4.40 -10.31
CA ILE A 95 27.99 -5.06 -9.14
C ILE A 95 27.11 -6.19 -9.71
N PRO A 96 27.75 -7.16 -10.37
CA PRO A 96 26.99 -8.18 -11.10
C PRO A 96 26.11 -9.07 -10.25
N HIS A 97 26.42 -9.19 -8.96
CA HIS A 97 25.65 -10.09 -8.08
C HIS A 97 24.74 -9.35 -7.12
N LEU A 98 24.42 -8.11 -7.44
CA LEU A 98 23.49 -7.34 -6.63
C LEU A 98 22.13 -8.06 -6.50
N LYS A 99 21.69 -8.22 -5.26
CA LYS A 99 20.40 -8.88 -4.93
C LYS A 99 19.40 -7.97 -4.28
N THR A 100 19.87 -6.98 -3.52
N THR A 100 19.89 -6.98 -3.52
CA THR A 100 18.94 -6.10 -2.83
CA THR A 100 19.00 -6.11 -2.74
C THR A 100 19.37 -4.66 -2.98
C THR A 100 19.39 -4.64 -2.92
N LEU A 101 18.41 -3.81 -3.28
CA LEU A 101 18.60 -2.36 -3.44
C LEU A 101 17.63 -1.70 -2.51
N PHE A 102 18.14 -0.90 -1.59
CA PHE A 102 17.32 -0.21 -0.57
C PHE A 102 17.62 1.26 -0.50
N PHE A 103 16.57 2.08 -0.64
CA PHE A 103 16.64 3.51 -0.36
C PHE A 103 15.81 3.70 0.89
N ALA A 104 16.34 4.40 1.89
CA ALA A 104 15.60 4.71 3.08
C ALA A 104 14.42 5.62 2.81
N ASP A 105 13.48 5.59 3.75
CA ASP A 105 12.35 6.51 3.81
C ASP A 105 12.85 7.69 4.68
N PRO A 106 13.17 8.82 4.07
CA PRO A 106 13.74 9.92 4.84
C PRO A 106 12.74 10.54 5.79
N PRO A 107 13.23 11.35 6.73
CA PRO A 107 12.31 12.10 7.58
C PRO A 107 11.38 12.99 6.75
N GLY A 108 10.23 13.31 7.31
CA GLY A 108 9.28 14.11 6.60
C GLY A 108 8.48 13.26 5.62
N ARG A 109 7.69 13.98 4.83
N ARG A 109 7.60 13.94 4.88
CA ARG A 109 6.79 13.34 3.89
CA ARG A 109 6.77 13.24 3.89
C ARG A 109 7.19 13.66 2.47
C ARG A 109 7.17 13.63 2.48
N LEU A 110 7.56 12.63 1.69
CA LEU A 110 7.83 12.83 0.27
C LEU A 110 8.84 13.91 -0.03
N THR A 111 9.90 13.99 0.79
CA THR A 111 10.87 15.06 0.64
C THR A 111 11.89 14.82 -0.47
N ARG A 112 12.00 13.58 -0.93
CA ARG A 112 12.97 13.22 -1.99
C ARG A 112 12.27 12.54 -3.16
N ASN A 113 12.83 12.72 -4.35
CA ASN A 113 12.34 12.16 -5.59
C ASN A 113 13.30 11.09 -6.10
N LEU A 114 12.77 9.98 -6.59
CA LEU A 114 13.60 8.90 -7.14
C LEU A 114 12.99 8.32 -8.39
N SER A 115 13.82 7.98 -9.38
N SER A 115 13.85 7.96 -9.35
CA SER A 115 13.36 7.21 -10.53
CA SER A 115 13.47 7.19 -10.53
C SER A 115 13.83 5.76 -10.42
C SER A 115 13.79 5.72 -10.33
N LEU A 116 13.09 4.86 -11.06
CA LEU A 116 13.36 3.44 -11.07
C LEU A 116 13.70 3.00 -12.49
N PRO A 117 14.99 2.88 -12.81
CA PRO A 117 15.38 2.42 -14.13
C PRO A 117 14.93 1.00 -14.44
N ASN A 118 14.84 0.68 -15.73
CA ASN A 118 14.60 -0.69 -16.14
C ASN A 118 15.98 -1.39 -16.12
N TYR A 119 16.45 -1.70 -14.92
CA TYR A 119 17.82 -2.19 -14.73
C TYR A 119 18.11 -3.41 -15.58
N GLN A 120 19.27 -3.39 -16.25
CA GLN A 120 19.72 -4.50 -17.05
C GLN A 120 20.94 -5.22 -16.49
N ASN A 121 21.70 -4.58 -15.61
CA ASN A 121 22.97 -5.15 -15.15
C ASN A 121 22.90 -5.84 -13.79
N TYR A 122 21.69 -6.00 -13.24
CA TYR A 122 21.48 -6.67 -11.95
C TYR A 122 20.52 -7.83 -12.13
N PRO A 123 20.89 -8.82 -12.93
CA PRO A 123 19.96 -9.93 -13.21
C PRO A 123 19.58 -10.79 -12.01
N GLU A 124 20.35 -10.71 -10.92
CA GLU A 124 20.03 -11.46 -9.72
C GLU A 124 19.23 -10.64 -8.72
N ASP A 126 16.65 -9.43 -6.25
CA ASP A 126 15.56 -10.13 -5.51
C ASP A 126 14.56 -9.15 -4.89
N THR A 127 15.04 -8.06 -4.31
CA THR A 127 14.21 -7.11 -3.58
C THR A 127 14.62 -5.69 -3.85
N ILE A 128 13.64 -4.84 -4.14
CA ILE A 128 13.83 -3.39 -4.30
C ILE A 128 12.88 -2.67 -3.33
N THR A 129 13.43 -1.74 -2.55
CA THR A 129 12.66 -0.91 -1.61
C THR A 129 12.95 0.56 -1.85
N SER A 131 10.22 2.92 -0.78
CA SER A 131 9.10 3.54 -0.06
C SER A 131 9.42 4.87 0.59
N GLY A 132 8.47 5.81 0.44
CA GLY A 132 8.54 7.16 1.07
C GLY A 132 9.07 8.24 0.17
N ASN A 133 9.54 7.85 -1.00
CA ASN A 133 10.13 8.78 -1.95
C ASN A 133 9.23 8.96 -3.16
N ASN A 134 9.10 10.19 -3.61
CA ASN A 134 8.21 10.47 -4.75
C ASN A 134 8.80 9.86 -6.03
N LEU A 135 8.06 8.97 -6.66
CA LEU A 135 8.53 8.36 -7.90
C LEU A 135 8.55 9.38 -9.04
N ILE A 136 9.67 9.45 -9.77
CA ILE A 136 9.77 10.24 -10.99
C ILE A 136 9.38 9.32 -12.14
N GLY A 137 8.33 9.66 -12.87
CA GLY A 137 7.89 8.85 -14.00
C GLY A 137 7.09 7.63 -13.58
N SER A 138 7.25 6.54 -14.33
CA SER A 138 6.48 5.31 -14.13
C SER A 138 7.35 4.17 -13.63
N ILE A 139 6.70 3.16 -13.08
CA ILE A 139 7.38 1.92 -12.76
C ILE A 139 7.57 1.20 -14.10
N PRO A 140 8.81 0.83 -14.46
CA PRO A 140 8.98 0.11 -15.75
C PRO A 140 8.37 -1.29 -15.75
N ASP A 141 7.99 -1.77 -16.95
CA ASP A 141 7.62 -3.16 -17.11
C ASP A 141 8.97 -3.90 -17.23
N PHE A 142 9.54 -4.24 -16.09
CA PHE A 142 10.92 -4.73 -16.01
C PHE A 142 11.22 -5.84 -17.00
N THR A 143 12.35 -5.73 -17.68
CA THR A 143 12.78 -6.76 -18.65
C THR A 143 14.08 -7.41 -18.27
N GLY A 144 14.77 -6.91 -17.24
CA GLY A 144 16.13 -7.42 -16.88
C GLY A 144 16.29 -8.03 -15.50
N PRO A 146 14.70 -11.07 -13.90
CA PRO A 146 13.81 -12.22 -13.93
C PRO A 146 13.58 -12.88 -12.57
N ALA A 147 14.45 -12.61 -11.60
CA ALA A 147 14.37 -13.27 -10.30
C ALA A 147 13.73 -12.35 -9.24
N LEU A 148 13.16 -11.22 -9.65
CA LEU A 148 12.58 -10.29 -8.68
C LEU A 148 11.46 -10.95 -7.87
N LYS A 149 11.52 -10.85 -6.54
CA LYS A 149 10.54 -11.46 -5.63
C LYS A 149 9.78 -10.50 -4.74
N GLN A 150 10.37 -9.34 -4.43
N GLN A 150 10.37 -9.34 -4.43
CA GLN A 150 9.72 -8.38 -3.54
CA GLN A 150 9.72 -8.37 -3.56
C GLN A 150 9.91 -6.98 -4.04
C GLN A 150 9.88 -6.92 -4.06
N LEU A 151 8.82 -6.21 -4.03
N LEU A 151 8.77 -6.21 -4.16
CA LEU A 151 8.84 -4.84 -4.50
CA LEU A 151 8.77 -4.79 -4.52
C LEU A 151 8.08 -3.96 -3.49
C LEU A 151 8.08 -4.00 -3.42
N TYR A 152 8.83 -3.10 -2.78
CA TYR A 152 8.27 -2.21 -1.74
C TYR A 152 8.27 -0.79 -2.30
N SER A 154 5.75 1.82 -1.30
CA SER A 154 4.70 2.51 -0.53
C SER A 154 4.98 4.00 -0.45
N GLU A 155 3.94 4.83 -0.50
CA GLU A 155 4.08 6.30 -0.33
C GLU A 155 5.07 6.89 -1.32
N LEU A 157 3.50 8.53 -4.34
CA LEU A 157 2.60 9.24 -5.28
C LEU A 157 2.41 8.50 -6.62
N ILE A 158 2.23 7.18 -6.53
CA ILE A 158 2.01 6.39 -7.73
C ILE A 158 0.53 6.42 -8.10
N THR A 159 0.26 6.75 -9.36
CA THR A 159 -1.10 6.71 -9.94
C THR A 159 -1.20 5.50 -10.86
N SER A 160 -2.43 5.14 -11.23
CA SER A 160 -2.65 3.89 -11.99
C SER A 160 -2.00 3.88 -13.39
N ASP A 161 -1.82 5.07 -13.98
CA ASP A 161 -1.16 5.16 -15.27
C ASP A 161 0.35 4.85 -15.19
N GLU A 162 0.89 4.76 -13.97
CA GLU A 162 2.32 4.54 -13.72
C GLU A 162 2.64 3.11 -13.33
N LEU A 163 1.63 2.24 -13.28
CA LEU A 163 1.75 0.85 -12.79
C LEU A 163 1.41 -0.16 -13.89
N PRO A 164 2.40 -0.82 -14.47
CA PRO A 164 2.10 -1.78 -15.54
C PRO A 164 1.59 -3.12 -15.05
N ASN A 165 1.01 -3.89 -15.97
CA ASN A 165 0.58 -5.24 -15.70
C ASN A 165 1.79 -6.11 -15.98
N PHE A 166 2.65 -6.20 -14.97
CA PHE A 166 4.03 -6.74 -15.14
C PHE A 166 4.13 -8.04 -15.93
N ASN A 167 4.91 -8.04 -17.01
CA ASN A 167 5.02 -9.21 -17.86
C ASN A 167 6.16 -10.17 -17.60
N ASN A 168 7.23 -9.72 -16.97
CA ASN A 168 8.48 -10.48 -16.96
C ASN A 168 9.11 -10.69 -15.60
N ILE A 169 8.30 -10.64 -14.54
CA ILE A 169 8.77 -10.92 -13.17
C ILE A 169 7.92 -12.04 -12.56
N PRO A 170 8.03 -13.26 -13.14
CA PRO A 170 7.16 -14.36 -12.75
C PRO A 170 7.29 -14.86 -11.34
N LEU A 171 8.39 -14.51 -10.67
CA LEU A 171 8.61 -14.98 -9.30
C LEU A 171 8.12 -14.03 -8.23
N LEU A 172 7.48 -12.93 -8.61
CA LEU A 172 7.11 -11.95 -7.59
C LEU A 172 6.18 -12.54 -6.52
N ILE A 173 6.54 -12.32 -5.25
CA ILE A 173 5.77 -12.84 -4.10
C ILE A 173 5.10 -11.70 -3.31
N THR A 174 5.76 -10.54 -3.18
CA THR A 174 5.29 -9.43 -2.36
C THR A 174 5.28 -8.16 -3.15
N LEU A 175 4.15 -7.46 -3.13
CA LEU A 175 4.01 -6.17 -3.80
C LEU A 175 3.32 -5.23 -2.81
N ASP A 176 4.04 -4.23 -2.33
CA ASP A 176 3.52 -3.22 -1.41
C ASP A 176 3.39 -1.91 -2.16
N LEU A 177 2.14 -1.51 -2.44
CA LEU A 177 1.80 -0.26 -3.14
C LEU A 177 0.90 0.60 -2.23
N SER A 178 1.05 0.41 -0.91
CA SER A 178 0.20 1.15 0.02
C SER A 178 0.53 2.65 -0.04
N SER A 179 -0.41 3.47 0.44
CA SER A 179 -0.21 4.91 0.53
C SER A 179 0.16 5.56 -0.78
N ASN A 180 -0.55 5.21 -1.83
CA ASN A 180 -0.37 5.84 -3.16
C ASN A 180 -1.69 6.43 -3.59
N GLN A 181 -1.82 6.72 -4.88
CA GLN A 181 -3.03 7.37 -5.44
C GLN A 181 -3.64 6.48 -6.52
N LEU A 182 -3.61 5.18 -6.32
CA LEU A 182 -4.17 4.26 -7.31
C LEU A 182 -5.70 4.33 -7.28
N THR A 183 -6.27 4.51 -8.45
CA THR A 183 -7.73 4.51 -8.65
C THR A 183 -8.21 3.17 -9.20
N THR A 184 -7.34 2.47 -9.92
CA THR A 184 -7.57 1.11 -10.39
C THR A 184 -6.31 0.31 -10.12
N ILE A 185 -6.46 -1.01 -10.08
CA ILE A 185 -5.33 -1.94 -9.98
C ILE A 185 -5.44 -2.92 -11.17
N PRO A 186 -4.31 -3.27 -11.80
CA PRO A 186 -4.41 -4.20 -12.92
C PRO A 186 -4.96 -5.58 -12.55
N ASP A 187 -5.62 -6.23 -13.51
CA ASP A 187 -5.99 -7.64 -13.35
C ASP A 187 -4.71 -8.42 -13.70
N PHE A 188 -3.82 -8.50 -12.71
CA PHE A 188 -2.44 -8.97 -13.00
C PHE A 188 -2.43 -10.31 -13.71
N GLN A 189 -1.79 -10.37 -14.87
CA GLN A 189 -1.77 -11.55 -15.70
C GLN A 189 -0.64 -12.52 -15.45
N ASN A 190 0.52 -12.04 -15.02
CA ASN A 190 1.74 -12.85 -15.06
C ASN A 190 2.53 -12.87 -13.79
N ILE A 191 1.86 -12.66 -12.66
CA ILE A 191 2.53 -12.80 -11.35
C ILE A 191 1.77 -13.82 -10.48
N PRO A 192 1.65 -15.05 -10.97
CA PRO A 192 0.82 -16.05 -10.25
C PRO A 192 1.38 -16.56 -8.94
N ASN A 193 2.62 -16.21 -8.61
N ASN A 193 2.61 -16.20 -8.60
CA ASN A 193 3.16 -16.57 -7.29
CA ASN A 193 3.18 -16.55 -7.29
C ASN A 193 2.91 -15.49 -6.25
C ASN A 193 2.92 -15.49 -6.25
N LEU A 194 2.24 -14.41 -6.62
CA LEU A 194 2.02 -13.32 -5.68
C LEU A 194 1.24 -13.81 -4.46
N THR A 195 1.79 -13.60 -3.26
N THR A 195 1.77 -13.53 -3.28
CA THR A 195 1.12 -14.02 -2.00
CA THR A 195 1.19 -14.00 -2.02
C THR A 195 0.64 -12.85 -1.16
C THR A 195 0.68 -12.87 -1.16
N PHE A 196 1.30 -11.69 -1.26
CA PHE A 196 0.97 -10.51 -0.41
C PHE A 196 0.81 -9.30 -1.30
N LEU A 197 -0.37 -8.68 -1.28
CA LEU A 197 -0.67 -7.49 -2.07
C LEU A 197 -1.24 -6.44 -1.12
N ASP A 198 -0.43 -5.43 -0.83
CA ASP A 198 -0.84 -4.34 0.10
C ASP A 198 -1.21 -3.11 -0.70
N LEU A 199 -2.49 -2.77 -0.64
CA LEU A 199 -3.07 -1.61 -1.37
C LEU A 199 -3.75 -0.65 -0.40
N ASN A 200 -3.43 -0.73 0.88
CA ASN A 200 -4.09 0.15 1.84
C ASN A 200 -3.82 1.61 1.54
N ALA A 201 -4.76 2.48 1.85
CA ALA A 201 -4.56 3.95 1.67
C ALA A 201 -4.31 4.34 0.22
N ASN A 202 -5.14 3.82 -0.67
CA ASN A 202 -5.19 4.26 -2.06
C ASN A 202 -6.57 4.86 -2.33
N LEU A 203 -6.93 5.00 -3.59
CA LEU A 203 -8.20 5.63 -4.03
C LEU A 203 -9.03 4.66 -4.82
N LEU A 204 -8.92 3.37 -4.50
CA LEU A 204 -9.60 2.36 -5.28
C LEU A 204 -11.11 2.37 -5.07
N THR A 205 -11.87 2.20 -6.16
CA THR A 205 -13.32 2.06 -6.03
C THR A 205 -13.81 0.62 -6.23
N ASN A 206 -12.91 -0.24 -6.72
CA ASN A 206 -13.20 -1.67 -6.88
C ASN A 206 -11.87 -2.32 -7.26
N THR A 207 -11.88 -3.63 -7.48
CA THR A 207 -10.73 -4.31 -8.07
C THR A 207 -11.29 -5.26 -9.12
N PRO A 208 -10.44 -5.73 -10.03
CA PRO A 208 -10.89 -6.82 -10.89
C PRO A 208 -11.18 -8.09 -10.07
N ASP A 209 -11.93 -9.01 -10.66
CA ASP A 209 -12.15 -10.32 -10.06
C ASP A 209 -10.94 -11.12 -10.49
N PHE A 210 -9.85 -10.92 -9.77
CA PHE A 210 -8.54 -11.36 -10.23
C PHE A 210 -8.52 -12.70 -10.89
N GLN A 211 -8.00 -12.67 -12.14
CA GLN A 211 -7.99 -13.85 -12.96
C GLN A 211 -6.82 -14.82 -12.74
N ASN A 212 -5.71 -14.36 -12.14
CA ASN A 212 -4.55 -15.27 -12.02
C ASN A 212 -3.70 -15.00 -10.78
N LEU A 213 -4.34 -15.01 -9.62
CA LEU A 213 -3.64 -14.89 -8.33
C LEU A 213 -3.99 -16.09 -7.44
N PRO A 214 -3.65 -17.30 -7.88
CA PRO A 214 -4.03 -18.52 -7.15
C PRO A 214 -3.35 -18.72 -5.80
N LYS A 215 -2.26 -17.99 -5.54
CA LYS A 215 -1.48 -18.12 -4.32
C LYS A 215 -1.64 -16.94 -3.38
N LEU A 216 -2.45 -15.96 -3.75
CA LEU A 216 -2.62 -14.77 -2.89
C LEU A 216 -3.27 -15.14 -1.56
N THR A 217 -2.60 -14.82 -0.46
CA THR A 217 -3.13 -15.10 0.89
C THR A 217 -3.59 -13.84 1.60
N ASP A 218 -2.94 -12.71 1.34
CA ASP A 218 -3.22 -11.47 2.08
C ASP A 218 -3.43 -10.32 1.11
N LEU A 219 -4.62 -9.74 1.15
CA LEU A 219 -5.01 -8.62 0.29
C LEU A 219 -5.48 -7.51 1.22
N ASN A 220 -4.77 -6.41 1.25
CA ASN A 220 -5.11 -5.30 2.16
C ASN A 220 -5.68 -4.14 1.36
N LEU A 221 -6.98 -3.89 1.54
CA LEU A 221 -7.68 -2.78 0.88
C LEU A 221 -8.17 -1.74 1.86
N ARG A 222 -7.61 -1.72 3.07
N ARG A 222 -7.60 -1.72 3.06
CA ARG A 222 -8.04 -0.77 4.09
CA ARG A 222 -8.06 -0.77 4.07
C ARG A 222 -7.90 0.66 3.59
C ARG A 222 -7.90 0.67 3.57
N HIS A 223 -8.84 1.52 3.98
N HIS A 223 -8.86 1.51 3.96
CA HIS A 223 -8.74 2.93 3.63
CA HIS A 223 -8.78 2.94 3.66
C HIS A 223 -8.67 3.19 2.13
C HIS A 223 -8.70 3.23 2.16
N ASN A 224 -9.64 2.65 1.39
CA ASN A 224 -9.80 2.97 -0.02
C ASN A 224 -11.17 3.65 -0.17
N ASN A 225 -11.70 3.65 -1.39
CA ASN A 225 -13.00 4.28 -1.67
C ASN A 225 -14.01 3.23 -2.16
N LEU A 226 -13.92 2.01 -1.63
CA LEU A 226 -14.85 0.94 -2.05
C LEU A 226 -16.23 1.31 -1.53
N THR A 227 -17.21 1.42 -2.41
CA THR A 227 -18.49 2.03 -2.08
C THR A 227 -19.66 1.18 -2.50
N GLY A 228 -20.55 0.90 -1.56
CA GLY A 228 -21.74 0.12 -1.83
C GLY A 228 -21.42 -1.35 -1.85
N THR A 229 -21.19 -1.88 -3.04
CA THR A 229 -20.78 -3.29 -3.18
C THR A 229 -19.47 -3.32 -3.97
N VAL A 231 -16.55 -6.25 -6.03
CA VAL A 231 -16.44 -7.53 -6.70
C VAL A 231 -16.47 -8.68 -5.68
N ASN A 232 -17.17 -9.75 -6.03
CA ASN A 232 -17.31 -10.93 -5.16
C ASN A 232 -16.38 -11.99 -5.71
N TYR A 233 -15.13 -11.98 -5.22
CA TYR A 233 -14.05 -12.79 -5.78
C TYR A 233 -14.42 -14.23 -6.00
N THR A 234 -14.14 -14.73 -7.20
CA THR A 234 -14.45 -16.10 -7.56
C THR A 234 -13.24 -17.05 -7.65
N ASN A 235 -12.03 -16.51 -7.68
N ASN A 235 -12.03 -16.52 -7.65
CA ASN A 235 -10.83 -17.33 -7.87
CA ASN A 235 -10.86 -17.35 -7.84
C ASN A 235 -9.64 -16.90 -7.03
C ASN A 235 -9.65 -16.91 -7.03
N LEU A 236 -9.86 -16.76 -5.72
CA LEU A 236 -8.74 -16.50 -4.79
C LEU A 236 -8.71 -17.65 -3.78
N PRO A 237 -8.39 -18.88 -4.24
CA PRO A 237 -8.47 -20.05 -3.36
C PRO A 237 -7.54 -20.05 -2.17
N SER A 238 -6.45 -19.30 -2.24
CA SER A 238 -5.51 -19.26 -1.13
C SER A 238 -5.80 -18.13 -0.14
N LEU A 239 -6.84 -17.31 -0.41
CA LEU A 239 -7.07 -16.13 0.41
C LEU A 239 -7.31 -16.48 1.89
N GLU A 240 -6.59 -15.80 2.76
CA GLU A 240 -6.74 -15.93 4.22
C GLU A 240 -7.20 -14.64 4.88
N SER A 241 -6.75 -13.50 4.37
CA SER A 241 -7.11 -12.21 4.97
C SER A 241 -7.40 -11.20 3.90
N LEU A 242 -8.59 -10.60 3.96
CA LEU A 242 -9.00 -9.51 3.08
C LEU A 242 -9.38 -8.36 3.99
N ASN A 243 -8.56 -7.31 4.02
CA ASN A 243 -8.82 -6.19 4.92
C ASN A 243 -9.63 -5.13 4.18
N LEU A 244 -10.87 -4.92 4.62
CA LEU A 244 -11.78 -3.94 4.01
C LEU A 244 -12.08 -2.82 5.00
N ASP A 245 -11.30 -2.70 6.06
CA ASP A 245 -11.61 -1.70 7.10
C ASP A 245 -11.59 -0.29 6.51
N TYR A 246 -12.44 0.58 7.02
CA TYR A 246 -12.45 1.98 6.58
C TYR A 246 -12.70 2.16 5.08
N ASN A 247 -13.72 1.46 4.60
CA ASN A 247 -14.30 1.69 3.27
C ASN A 247 -15.76 2.07 3.45
N PHE A 248 -16.54 2.02 2.36
CA PHE A 248 -17.92 2.56 2.33
C PHE A 248 -18.88 1.53 1.80
N LEU A 249 -18.64 0.27 2.16
CA LEU A 249 -19.49 -0.81 1.69
C LEU A 249 -20.75 -0.94 2.52
N THR A 250 -21.85 -1.27 1.83
CA THR A 250 -23.14 -1.60 2.49
C THR A 250 -23.39 -3.13 2.53
N GLU A 251 -22.53 -3.88 1.85
CA GLU A 251 -22.59 -5.34 1.80
C GLU A 251 -21.18 -5.83 1.54
N LEU A 252 -20.81 -6.92 2.19
CA LEU A 252 -19.48 -7.54 1.99
C LEU A 252 -19.57 -8.65 0.96
N PRO A 253 -18.44 -8.96 0.30
CA PRO A 253 -18.46 -10.02 -0.73
C PRO A 253 -18.61 -11.40 -0.09
N SER A 254 -19.71 -12.04 -0.40
CA SER A 254 -20.09 -13.27 0.26
C SER A 254 -19.15 -14.44 0.06
N ASN A 255 -18.50 -14.53 -1.09
CA ASN A 255 -17.63 -15.67 -1.38
C ASN A 255 -16.40 -15.79 -0.49
N VAL A 256 -16.00 -14.66 0.09
CA VAL A 256 -14.79 -14.59 0.89
C VAL A 256 -15.05 -14.02 2.27
N LEU A 257 -16.29 -14.08 2.72
CA LEU A 257 -16.67 -13.47 4.00
C LEU A 257 -15.84 -13.98 5.18
N ASP A 258 -15.45 -15.26 5.13
CA ASP A 258 -14.64 -15.85 6.20
C ASP A 258 -13.20 -15.34 6.31
N THR A 259 -12.78 -14.49 5.35
CA THR A 259 -11.42 -13.94 5.35
C THR A 259 -11.39 -12.48 5.75
N ILE A 260 -12.56 -11.86 5.92
CA ILE A 260 -12.62 -10.41 6.02
C ILE A 260 -12.31 -9.81 7.38
N TYR A 261 -11.50 -8.74 7.36
CA TYR A 261 -11.33 -7.87 8.51
C TYR A 261 -12.11 -6.58 8.24
N VAL A 262 -13.12 -6.32 9.06
CA VAL A 262 -13.82 -5.01 9.10
C VAL A 262 -14.25 -4.78 10.53
N GLN A 263 -13.83 -3.66 11.09
CA GLN A 263 -14.37 -3.20 12.38
C GLN A 263 -15.02 -1.82 12.27
N SER A 264 -14.53 -0.98 11.33
CA SER A 264 -15.14 0.31 11.04
C SER A 264 -15.50 0.41 9.57
N GLN A 265 -16.59 1.10 9.31
CA GLN A 265 -17.09 1.28 7.94
C GLN A 265 -18.09 2.40 7.96
N ASN A 266 -18.24 3.08 6.85
CA ASN A 266 -19.20 4.15 6.71
C ASN A 266 -19.99 3.92 5.42
N GLY A 267 -21.13 4.57 5.27
CA GLY A 267 -21.83 4.45 4.03
C GLY A 267 -23.03 5.34 3.94
N GLU A 268 -23.59 5.39 2.75
N GLU A 268 -23.61 5.37 2.76
CA GLU A 268 -24.77 6.19 2.45
CA GLU A 268 -24.77 6.21 2.47
C GLU A 268 -25.84 5.24 1.94
C GLU A 268 -25.88 5.38 1.85
N LEU A 269 -27.04 5.38 2.49
CA LEU A 269 -28.19 4.58 2.07
C LEU A 269 -29.14 5.43 1.20
N PRO A 270 -30.14 4.79 0.56
CA PRO A 270 -30.99 5.57 -0.33
C PRO A 270 -31.87 6.63 0.35
N ASP A 271 -32.13 7.71 -0.37
CA ASP A 271 -33.09 8.71 0.10
C ASP A 271 -34.45 8.05 0.29
N GLN A 272 -35.19 8.49 1.28
CA GLN A 272 -36.58 8.06 1.45
C GLN A 272 -37.50 9.24 1.67
N THR A 273 -38.74 9.07 1.22
CA THR A 273 -39.85 10.00 1.45
C THR A 273 -40.93 9.25 2.22
N ILE A 274 -41.33 9.76 3.38
CA ILE A 274 -42.35 9.11 4.20
C ILE A 274 -43.36 10.15 4.64
N ASN A 275 -44.47 9.68 5.20
CA ASN A 275 -45.49 10.59 5.70
C ASN A 275 -45.31 10.79 7.18
N GLN A 276 -45.69 11.97 7.65
CA GLN A 276 -45.62 12.31 9.06
C GLN A 276 -46.35 11.22 9.86
N GLY A 277 -45.70 10.70 10.90
CA GLY A 277 -46.25 9.60 11.70
C GLY A 277 -45.69 8.23 11.37
N ASP A 278 -45.01 8.11 10.23
CA ASP A 278 -44.40 6.86 9.80
C ASP A 278 -43.05 6.63 10.48
N THR A 279 -42.70 5.37 10.62
CA THR A 279 -41.33 5.00 11.00
C THR A 279 -40.53 4.90 9.68
N CYS A 280 -39.25 4.55 9.78
CA CYS A 280 -38.42 4.45 8.60
C CYS A 280 -37.57 3.18 8.70
N THR A 281 -37.66 2.33 7.68
CA THR A 281 -36.97 1.05 7.67
C THR A 281 -35.92 1.04 6.58
N ILE A 282 -34.77 0.44 6.87
CA ILE A 282 -33.65 0.34 5.96
C ILE A 282 -33.18 -1.10 5.80
N ASP A 283 -32.57 -1.35 4.66
CA ASP A 283 -31.77 -2.54 4.42
C ASP A 283 -30.33 -2.20 4.82
N LEU A 284 -29.63 -3.17 5.40
CA LEU A 284 -28.21 -2.97 5.73
C LEU A 284 -27.50 -4.30 5.75
N PRO A 285 -27.22 -4.85 4.56
CA PRO A 285 -26.73 -6.22 4.51
C PRO A 285 -25.47 -6.45 5.34
N ILE A 286 -24.56 -5.50 5.34
CA ILE A 286 -23.31 -5.63 6.09
C ILE A 286 -23.54 -5.86 7.58
N TYR A 287 -24.55 -5.23 8.18
CA TYR A 287 -24.82 -5.46 9.59
C TYR A 287 -25.11 -6.94 9.82
N PHE A 288 -26.03 -7.48 9.02
CA PHE A 288 -26.43 -8.88 9.19
C PHE A 288 -25.30 -9.86 8.95
N GLN A 289 -24.43 -9.56 7.99
CA GLN A 289 -23.26 -10.39 7.73
C GLN A 289 -22.30 -10.36 8.90
N GLU A 291 -22.97 -9.54 12.01
CA GLU A 291 -23.60 -10.12 13.19
C GLU A 291 -23.54 -11.64 13.12
N GLU A 292 -23.90 -12.20 11.98
CA GLU A 292 -24.01 -13.64 11.88
C GLU A 292 -22.68 -14.38 11.84
N THR A 293 -21.62 -13.69 11.41
CA THR A 293 -20.29 -14.30 11.41
C THR A 293 -19.46 -13.86 12.62
N ASN A 294 -20.10 -13.30 13.64
CA ASN A 294 -19.43 -13.03 14.93
C ASN A 294 -18.29 -12.03 14.83
N LEU A 296 -18.83 -8.76 15.47
CA LEU A 296 -19.12 -7.61 16.31
C LEU A 296 -18.44 -7.69 17.66
N VAL A 297 -17.96 -6.54 18.12
CA VAL A 297 -17.39 -6.40 19.49
C VAL A 297 -18.40 -5.88 20.53
N SER A 298 -19.54 -5.38 20.04
CA SER A 298 -20.63 -4.91 20.91
C SER A 298 -21.93 -5.12 20.14
N PRO A 299 -23.05 -5.39 20.85
CA PRO A 299 -24.29 -5.77 20.15
C PRO A 299 -25.25 -4.65 19.77
N GLU A 300 -25.12 -3.50 20.40
CA GLU A 300 -26.13 -2.44 20.24
C GLU A 300 -26.16 -1.84 18.84
N VAL A 301 -27.37 -1.53 18.38
CA VAL A 301 -27.59 -0.83 17.13
C VAL A 301 -28.39 0.43 17.49
N THR A 302 -27.84 1.61 17.14
CA THR A 302 -28.42 2.90 17.53
C THR A 302 -28.81 3.71 16.31
N GLY A 303 -29.76 4.60 16.52
CA GLY A 303 -30.24 5.50 15.46
C GLY A 303 -30.36 6.89 16.00
N GLU A 304 -30.22 7.87 15.12
CA GLU A 304 -30.31 9.26 15.53
C GLU A 304 -30.61 10.13 14.33
N TYR A 305 -31.04 11.37 14.58
CA TYR A 305 -31.14 12.34 13.51
C TYR A 305 -30.34 13.57 13.90
N ILE A 306 -29.82 14.24 12.87
CA ILE A 306 -28.79 15.26 13.03
C ILE A 306 -29.32 16.56 12.52
N GLY A 307 -29.60 17.47 13.45
CA GLY A 307 -30.05 18.81 13.12
C GLY A 307 -29.11 19.77 13.82
N ILE A 308 -29.67 20.75 14.52
CA ILE A 308 -28.87 21.69 15.31
C ILE A 308 -28.15 20.88 16.42
N SER A 309 -28.86 19.90 16.98
CA SER A 309 -28.25 18.93 17.90
C SER A 309 -28.54 17.54 17.36
N VAL A 310 -27.83 16.56 17.89
CA VAL A 310 -28.01 15.16 17.51
C VAL A 310 -28.98 14.56 18.52
N ILE A 311 -30.06 13.97 18.03
CA ILE A 311 -31.09 13.41 18.88
C ILE A 311 -31.27 11.92 18.59
N GLN A 312 -31.15 11.10 19.63
CA GLN A 312 -31.31 9.65 19.49
C GLN A 312 -32.75 9.25 19.22
N LEU A 313 -32.92 8.22 18.37
CA LEU A 313 -34.25 7.68 18.06
C LEU A 313 -34.31 6.18 18.42
N PRO A 314 -35.49 5.70 18.87
CA PRO A 314 -35.62 4.26 19.10
C PRO A 314 -35.37 3.50 17.82
N THR A 315 -34.65 2.42 17.92
CA THR A 315 -34.18 1.68 16.77
C THR A 315 -34.30 0.21 17.07
N THR A 316 -34.89 -0.56 16.15
N THR A 316 -34.90 -0.54 16.14
CA THR A 316 -35.09 -2.00 16.34
CA THR A 316 -35.14 -1.98 16.31
C THR A 316 -34.59 -2.78 15.15
C THR A 316 -34.50 -2.74 15.15
N VAL A 317 -33.99 -3.93 15.44
CA VAL A 317 -33.49 -4.83 14.41
C VAL A 317 -34.57 -5.87 14.16
N ASN A 318 -34.93 -6.06 12.90
CA ASN A 318 -35.92 -7.03 12.46
C ASN A 318 -35.12 -8.19 11.88
N GLU A 319 -34.86 -9.21 12.70
N GLU A 319 -34.93 -9.20 12.73
CA GLU A 319 -33.99 -10.32 12.28
CA GLU A 319 -34.10 -10.35 12.44
C GLU A 319 -34.58 -11.27 11.24
C GLU A 319 -34.59 -11.21 11.27
N GLU A 320 -35.90 -11.43 11.20
CA GLU A 320 -36.49 -12.30 10.15
C GLU A 320 -36.29 -11.71 8.74
N GLY A 321 -36.71 -10.46 8.55
CA GLY A 321 -36.62 -9.82 7.26
C GLY A 321 -35.31 -9.11 6.98
N ASN A 322 -34.35 -9.19 7.92
CA ASN A 322 -33.07 -8.50 7.80
C ASN A 322 -33.22 -7.01 7.46
N THR A 323 -33.93 -6.30 8.31
CA THR A 323 -34.06 -4.85 8.15
C THR A 323 -33.89 -4.23 9.53
N ILE A 324 -33.76 -2.90 9.54
CA ILE A 324 -33.63 -2.11 10.76
C ILE A 324 -34.64 -0.98 10.68
N THR A 325 -35.37 -0.74 11.77
CA THR A 325 -36.40 0.32 11.78
C THR A 325 -36.04 1.40 12.78
N VAL A 326 -36.05 2.65 12.33
CA VAL A 326 -35.83 3.80 13.18
C VAL A 326 -37.17 4.48 13.39
N ASP A 327 -37.51 4.72 14.64
CA ASP A 327 -38.80 5.31 14.96
C ASP A 327 -38.78 6.83 14.77
N THR A 328 -39.15 7.24 13.55
CA THR A 328 -39.29 8.64 13.14
C THR A 328 -40.73 9.15 13.26
N SER A 329 -41.61 8.40 13.93
CA SER A 329 -43.03 8.70 13.92
C SER A 329 -43.44 10.01 14.63
N ALA A 330 -42.61 10.51 15.53
CA ALA A 330 -42.94 11.76 16.25
C ALA A 330 -42.40 13.02 15.56
N LEU A 331 -41.61 12.86 14.52
CA LEU A 331 -41.01 14.02 13.81
C LEU A 331 -42.03 14.77 12.98
N SER A 332 -41.86 16.09 12.91
CA SER A 332 -42.77 16.91 12.11
C SER A 332 -42.26 16.94 10.65
N PRO A 333 -43.09 17.45 9.72
CA PRO A 333 -42.65 17.48 8.32
C PRO A 333 -41.36 18.27 8.12
N GLY A 334 -40.51 17.83 7.21
CA GLY A 334 -39.28 18.52 6.93
C GLY A 334 -38.29 17.58 6.29
N GLU A 335 -37.04 18.04 6.20
CA GLU A 335 -35.94 17.25 5.66
C GLU A 335 -35.01 16.89 6.79
N TYR A 336 -34.63 15.62 6.88
CA TYR A 336 -33.82 15.10 7.98
C TYR A 336 -32.65 14.28 7.52
N LYS A 337 -31.56 14.33 8.30
CA LYS A 337 -30.36 13.50 8.11
C LYS A 337 -30.39 12.43 9.20
N LEU A 338 -30.54 11.18 8.79
N LEU A 338 -30.53 11.18 8.78
CA LEU A 338 -30.60 10.03 9.72
CA LEU A 338 -30.57 10.01 9.67
C LEU A 338 -29.28 9.26 9.70
C LEU A 338 -29.24 9.29 9.71
N ASP A 339 -28.98 8.61 10.82
CA ASP A 339 -27.79 7.78 11.00
C ASP A 339 -28.14 6.56 11.79
N VAL A 340 -27.72 5.38 11.31
CA VAL A 340 -27.75 4.15 12.10
C VAL A 340 -26.30 3.71 12.28
N SER A 341 -25.95 3.42 13.51
CA SER A 341 -24.59 3.02 13.87
C SER A 341 -24.60 1.73 14.67
N TYR A 342 -23.57 0.92 14.49
CA TYR A 342 -23.42 -0.31 15.25
C TYR A 342 -21.93 -0.62 15.38
N ASN A 343 -21.64 -1.69 16.13
CA ASN A 343 -20.23 -2.07 16.41
C ASN A 343 -19.46 -0.93 17.05
N HIS A 344 -20.14 -0.17 17.90
CA HIS A 344 -19.45 0.89 18.60
C HIS A 344 -18.34 0.30 19.49
N ASN A 345 -17.16 0.86 19.35
CA ASN A 345 -16.01 0.46 20.17
C ASN A 345 -15.45 1.73 20.75
N TYR A 346 -15.98 2.08 21.91
CA TYR A 346 -15.61 3.33 22.55
C TYR A 346 -14.15 3.34 22.95
N ALA A 347 -13.60 2.17 23.31
CA ALA A 347 -12.21 2.08 23.71
C ALA A 347 -11.28 2.37 22.53
N THR A 348 -11.61 1.93 21.32
CA THR A 348 -10.73 2.13 20.18
C THR A 348 -11.14 3.26 19.24
N GLY A 349 -12.36 3.78 19.36
CA GLY A 349 -12.90 4.75 18.39
C GLY A 349 -13.54 4.12 17.16
N GLY A 350 -13.61 2.79 17.08
CA GLY A 350 -14.26 2.16 15.94
C GLY A 350 -15.77 2.29 15.94
N VAL A 351 -16.36 2.29 14.75
CA VAL A 351 -17.81 2.28 14.60
C VAL A 351 -18.15 1.99 13.14
N CYS A 352 -19.31 1.37 12.92
CA CYS A 352 -19.91 1.22 11.60
C CYS A 352 -21.12 2.15 11.56
N SER A 353 -21.12 3.13 10.64
CA SER A 353 -22.13 4.19 10.65
C SER A 353 -22.63 4.50 9.25
N TYR A 354 -23.95 4.51 9.10
CA TYR A 354 -24.63 4.66 7.80
C TYR A 354 -25.62 5.80 7.87
N ASP A 355 -25.55 6.69 6.89
CA ASP A 355 -26.35 7.89 6.84
C ASP A 355 -27.33 7.87 5.68
N TRP A 356 -28.45 8.57 5.81
CA TRP A 356 -29.35 8.77 4.66
C TRP A 356 -30.24 9.95 4.95
N ASN A 357 -30.81 10.47 3.88
CA ASN A 357 -31.72 11.63 3.96
C ASN A 357 -33.17 11.20 3.87
N VAL A 358 -34.01 11.79 4.71
CA VAL A 358 -35.43 11.49 4.74
C VAL A 358 -36.23 12.78 4.58
N THR A 359 -37.20 12.74 3.67
CA THR A 359 -38.18 13.80 3.50
C THR A 359 -39.45 13.29 4.20
N ILE A 360 -39.93 14.06 5.18
CA ILE A 360 -41.21 13.77 5.85
C ILE A 360 -42.26 14.76 5.37
N ASN A 361 -43.31 14.25 4.76
CA ASN A 361 -44.42 15.09 4.29
C ASN A 361 -45.60 15.10 5.21
#